data_1M9S
#
_entry.id   1M9S
#
_cell.length_a   48.5
_cell.length_b   330.9
_cell.length_c   182.4
_cell.angle_alpha   90.00
_cell.angle_beta   90.00
_cell.angle_gamma   90.00
#
_symmetry.space_group_name_H-M   'C 2 2 21'
#
loop_
_entity.id
_entity.type
_entity.pdbx_description
1 polymer 'Internalin B'
2 non-polymer 'TERBIUM(III) ION'
3 non-polymer 'SULFATE ION'
4 water water
#
_entity_poly.entity_id   1
_entity_poly.type   'polypeptide(L)'
_entity_poly.pdbx_seq_one_letter_code
;MGETITVSTPIKQIFPDDAFAETIKDNLKKKSVTDAVTQNELNSIDQIIANNSDIKSVQGIQYLPNVTKLFLNGNKLTDI
KPLTNLKNLGWLFLDENKIKDLSSLKDLKKLKSLSLEHNGISDINGLVHLPQLESLYLGNNKITDITVLSRLTKLDTLSL
EDNQISDIVPLAGLTKLQNLYLSKNHISDLRALAGLKNLDVLELFSQECLNKPINHQSNLVVPNTVKNTDGSLVTPEIIS
DDGDYEKPNVKWHLPEFTNEVSFIFYQPVTIGKAKARFHGRVTQPLKEVYTVSYDVDGTVIKTKVEAGTRITAPKPPTKQ
GYVFKGWYTEKNGGHEWNFNTDYMSGNDFTLYAVFKAETTEKTVNLTRYVKYIRGNAGIYKLPREDNSLKQGTLASHRCK
ALTVDREARNGGKLWYRLKNIGWTKAENLSLDRYDKMEYDKGVTAYARVRNASGNSVWTKPYNTAGAKHVNKLSVYQGKN
MRILREAKTPITTWYQFSIGGKVIGWVDTRALNTFYKQSMEKPTRLTRYVSANKAGESYYKVPVADNPVKRGTLAKYKNQ
KLIVDCQATIEGQLWYRIRTSSTFIGWTKAANLRAQKLEHHHHHH
;
_entity_poly.pdbx_strand_id   A
#
# COMPACT_ATOMS: atom_id res chain seq x y z
N GLU A 3 4.50 77.88 -1.20
CA GLU A 3 5.94 78.18 -0.96
C GLU A 3 6.53 78.89 -2.17
N THR A 4 7.32 79.93 -1.92
CA THR A 4 7.94 80.70 -3.00
C THR A 4 9.24 81.38 -2.57
N ILE A 5 10.06 81.73 -3.56
CA ILE A 5 11.33 82.41 -3.32
C ILE A 5 11.09 83.91 -3.31
N THR A 6 11.91 84.64 -2.55
CA THR A 6 11.78 86.09 -2.46
C THR A 6 12.69 86.80 -3.49
N VAL A 7 13.99 86.72 -3.26
CA VAL A 7 14.96 87.34 -4.16
C VAL A 7 15.17 86.47 -5.39
N SER A 8 15.43 87.10 -6.52
CA SER A 8 15.68 86.37 -7.76
C SER A 8 16.63 85.21 -7.48
N THR A 9 16.50 84.13 -8.24
CA THR A 9 17.36 82.97 -8.07
C THR A 9 17.48 82.20 -9.38
N PRO A 10 18.63 81.53 -9.61
CA PRO A 10 18.80 80.78 -10.86
C PRO A 10 17.86 79.59 -10.95
N ILE A 11 17.63 79.12 -12.17
CA ILE A 11 16.74 77.97 -12.39
C ILE A 11 17.34 76.70 -11.80
N LYS A 12 18.53 76.34 -12.27
CA LYS A 12 19.21 75.13 -11.79
C LYS A 12 19.18 75.04 -10.27
N GLN A 13 19.20 76.20 -9.61
CA GLN A 13 19.17 76.25 -8.16
C GLN A 13 17.85 75.76 -7.59
N ILE A 14 16.78 75.88 -8.37
CA ILE A 14 15.46 75.46 -7.92
C ILE A 14 15.05 74.09 -8.44
N PHE A 15 15.29 73.84 -9.71
CA PHE A 15 14.93 72.56 -10.30
C PHE A 15 16.14 71.64 -10.43
N PRO A 16 16.36 70.77 -9.43
CA PRO A 16 17.47 69.81 -9.40
C PRO A 16 17.58 68.93 -10.65
N ASP A 17 16.47 68.32 -11.05
CA ASP A 17 16.49 67.46 -12.23
C ASP A 17 16.79 68.28 -13.48
N ASP A 18 18.01 68.14 -13.99
CA ASP A 18 18.43 68.88 -15.18
C ASP A 18 17.36 68.98 -16.24
N ALA A 19 16.98 67.85 -16.83
CA ALA A 19 15.95 67.82 -17.87
C ALA A 19 14.72 68.67 -17.51
N PHE A 20 14.34 68.64 -16.24
CA PHE A 20 13.18 69.40 -15.79
C PHE A 20 13.46 70.89 -15.77
N ALA A 21 14.69 71.25 -15.42
CA ALA A 21 15.10 72.66 -15.41
C ALA A 21 15.02 73.11 -16.86
N GLU A 22 15.65 72.34 -17.74
CA GLU A 22 15.66 72.61 -19.16
C GLU A 22 14.24 72.94 -19.64
N THR A 23 13.29 72.06 -19.35
CA THR A 23 11.90 72.27 -19.76
C THR A 23 11.34 73.59 -19.24
N ILE A 24 11.77 73.99 -18.03
CA ILE A 24 11.34 75.26 -17.45
C ILE A 24 11.92 76.38 -18.32
N LYS A 25 13.24 76.33 -18.50
CA LYS A 25 13.96 77.29 -19.33
C LYS A 25 13.07 77.58 -20.54
N ASP A 26 12.94 76.60 -21.42
CA ASP A 26 12.13 76.74 -22.62
C ASP A 26 10.77 77.39 -22.33
N ASN A 27 10.13 76.94 -21.26
CA ASN A 27 8.82 77.46 -20.86
C ASN A 27 8.85 78.98 -20.67
N LEU A 28 9.80 79.44 -19.86
CA LEU A 28 9.95 80.86 -19.60
C LEU A 28 10.71 81.56 -20.73
N LYS A 29 10.90 80.86 -21.83
CA LYS A 29 11.60 81.41 -22.99
C LYS A 29 13.01 81.86 -22.63
N LYS A 30 13.49 81.45 -21.47
CA LYS A 30 14.84 81.82 -21.03
C LYS A 30 15.92 81.30 -21.97
N LYS A 31 17.12 81.86 -21.79
CA LYS A 31 18.28 81.54 -22.61
C LYS A 31 18.96 80.25 -22.15
N SER A 32 19.45 80.26 -20.91
CA SER A 32 20.13 79.11 -20.34
C SER A 32 19.65 78.80 -18.94
N VAL A 33 19.71 77.51 -18.59
CA VAL A 33 19.30 77.02 -17.28
C VAL A 33 19.90 77.83 -16.13
N THR A 34 20.99 78.53 -16.43
CA THR A 34 21.70 79.33 -15.43
C THR A 34 20.97 80.61 -15.06
N ASP A 35 20.35 81.24 -16.05
CA ASP A 35 19.62 82.50 -15.86
C ASP A 35 18.78 82.48 -14.60
N ALA A 36 18.56 83.65 -14.00
CA ALA A 36 17.76 83.74 -12.79
C ALA A 36 16.31 84.08 -13.13
N VAL A 37 15.42 83.85 -12.17
CA VAL A 37 14.00 84.13 -12.37
C VAL A 37 13.36 84.59 -11.06
N THR A 38 12.25 85.32 -11.19
CA THR A 38 11.53 85.82 -10.04
C THR A 38 10.32 84.95 -9.79
N GLN A 39 9.74 85.05 -8.60
CA GLN A 39 8.56 84.27 -8.27
C GLN A 39 7.44 84.63 -9.24
N ASN A 40 7.32 85.92 -9.52
CA ASN A 40 6.30 86.42 -10.43
C ASN A 40 6.40 85.75 -11.80
N GLU A 41 7.60 85.33 -12.18
CA GLU A 41 7.77 84.66 -13.45
C GLU A 41 7.32 83.21 -13.27
N LEU A 42 7.53 82.67 -12.08
CA LEU A 42 7.13 81.32 -11.76
C LEU A 42 5.60 81.26 -11.72
N ASN A 43 5.01 82.29 -11.15
CA ASN A 43 3.55 82.40 -11.03
C ASN A 43 2.85 82.53 -12.36
N SER A 44 3.58 82.94 -13.39
CA SER A 44 2.99 83.10 -14.71
C SER A 44 2.84 81.77 -15.41
N ILE A 45 3.36 80.71 -14.79
CA ILE A 45 3.30 79.37 -15.38
C ILE A 45 2.03 78.63 -14.94
N ASP A 46 1.23 78.22 -15.92
CA ASP A 46 0.02 77.47 -15.62
C ASP A 46 0.01 76.15 -16.38
N GLN A 47 0.86 76.04 -17.40
CA GLN A 47 0.99 74.83 -18.20
C GLN A 47 2.43 74.33 -18.22
N ILE A 48 2.61 73.04 -18.48
CA ILE A 48 3.93 72.41 -18.53
C ILE A 48 3.83 71.13 -19.33
N ILE A 49 4.45 71.10 -20.51
CA ILE A 49 4.41 69.91 -21.38
C ILE A 49 5.78 69.22 -21.47
N ALA A 50 6.07 68.33 -20.52
CA ALA A 50 7.35 67.62 -20.52
C ALA A 50 7.23 66.12 -20.80
N ASN A 51 6.73 65.75 -21.98
CA ASN A 51 6.59 64.35 -22.34
C ASN A 51 7.88 63.75 -22.89
N ASN A 52 8.27 62.59 -22.35
CA ASN A 52 9.47 61.89 -22.77
C ASN A 52 10.70 62.76 -22.59
N SER A 53 10.86 63.32 -21.39
CA SER A 53 11.99 64.20 -21.12
C SER A 53 12.96 63.62 -20.10
N ASP A 54 13.09 62.30 -20.06
CA ASP A 54 14.01 61.65 -19.14
C ASP A 54 14.07 62.40 -17.80
N ILE A 55 12.91 62.79 -17.28
CA ILE A 55 12.85 63.50 -16.01
C ILE A 55 12.66 62.53 -14.86
N LYS A 56 13.62 62.50 -13.94
CA LYS A 56 13.53 61.60 -12.80
C LYS A 56 12.81 62.25 -11.63
N SER A 57 12.93 63.58 -11.52
CA SER A 57 12.26 64.29 -10.44
C SER A 57 11.71 65.65 -10.88
N VAL A 58 10.74 66.16 -10.13
CA VAL A 58 10.14 67.46 -10.43
C VAL A 58 10.22 68.37 -9.22
N GLN A 59 11.16 68.09 -8.33
CA GLN A 59 11.36 68.90 -7.14
C GLN A 59 11.50 70.37 -7.53
N GLY A 60 10.84 71.24 -6.77
CA GLY A 60 10.90 72.65 -7.08
C GLY A 60 9.59 73.13 -7.69
N ILE A 61 8.86 72.21 -8.32
CA ILE A 61 7.58 72.55 -8.94
C ILE A 61 6.58 73.05 -7.91
N GLN A 62 7.00 73.11 -6.65
CA GLN A 62 6.14 73.59 -5.58
C GLN A 62 6.06 75.11 -5.69
N TYR A 63 6.92 75.67 -6.53
CA TYR A 63 6.99 77.11 -6.73
C TYR A 63 6.19 77.58 -7.93
N LEU A 64 5.24 76.77 -8.35
CA LEU A 64 4.38 77.11 -9.48
C LEU A 64 2.96 76.86 -9.00
N PRO A 65 2.50 77.63 -8.00
CA PRO A 65 1.16 77.52 -7.41
C PRO A 65 0.00 77.64 -8.37
N ASN A 66 0.26 78.19 -9.56
CA ASN A 66 -0.81 78.38 -10.51
C ASN A 66 -0.76 77.45 -11.72
N VAL A 67 -0.08 76.32 -11.60
CA VAL A 67 -0.03 75.38 -12.72
C VAL A 67 -1.38 74.66 -12.73
N THR A 68 -1.93 74.45 -13.91
CA THR A 68 -3.22 73.77 -13.99
C THR A 68 -3.17 72.56 -14.90
N LYS A 69 -2.25 72.60 -15.85
CA LYS A 69 -2.07 71.50 -16.78
C LYS A 69 -0.66 70.97 -16.59
N LEU A 70 -0.51 69.66 -16.51
CA LEU A 70 0.81 69.06 -16.30
C LEU A 70 0.96 67.72 -17.00
N PHE A 71 1.64 67.72 -18.14
CA PHE A 71 1.84 66.48 -18.90
C PHE A 71 3.28 65.97 -18.78
N LEU A 72 3.46 64.87 -18.05
CA LEU A 72 4.77 64.28 -17.85
C LEU A 72 4.76 62.82 -18.27
N ASN A 73 4.13 62.55 -19.39
CA ASN A 73 4.08 61.18 -19.91
C ASN A 73 5.48 60.69 -20.31
N GLY A 74 5.63 59.38 -20.43
CA GLY A 74 6.90 58.79 -20.82
C GLY A 74 8.19 59.25 -20.14
N ASN A 75 8.14 59.47 -18.82
CA ASN A 75 9.33 59.88 -18.10
C ASN A 75 9.88 58.76 -17.21
N LYS A 76 10.45 59.14 -16.07
CA LYS A 76 11.03 58.20 -15.12
C LYS A 76 10.71 58.63 -13.69
N LEU A 77 9.49 59.09 -13.48
CA LEU A 77 9.07 59.54 -12.15
C LEU A 77 8.61 58.37 -11.30
N THR A 78 8.73 58.53 -9.98
CA THR A 78 8.32 57.51 -9.04
C THR A 78 7.77 58.20 -7.80
N ASP A 79 8.07 59.49 -7.68
CA ASP A 79 7.63 60.29 -6.56
C ASP A 79 6.79 61.48 -7.07
N ILE A 80 5.80 61.90 -6.30
CA ILE A 80 4.98 63.03 -6.69
C ILE A 80 4.62 63.90 -5.49
N LYS A 81 5.38 63.78 -4.42
CA LYS A 81 5.15 64.57 -3.21
C LYS A 81 5.11 66.07 -3.53
N PRO A 82 5.92 66.53 -4.50
CA PRO A 82 5.93 67.96 -4.85
C PRO A 82 4.55 68.49 -5.28
N LEU A 83 3.81 67.68 -6.03
CA LEU A 83 2.48 68.08 -6.51
C LEU A 83 1.51 68.33 -5.36
N THR A 84 1.75 67.67 -4.24
CA THR A 84 0.89 67.77 -3.06
C THR A 84 0.05 69.03 -2.89
N ASN A 85 0.69 70.20 -2.87
CA ASN A 85 -0.06 71.43 -2.66
C ASN A 85 -0.38 72.30 -3.88
N LEU A 86 -0.21 71.74 -5.07
CA LEU A 86 -0.52 72.48 -6.29
C LEU A 86 -2.03 72.42 -6.52
N LYS A 87 -2.76 73.14 -5.68
CA LYS A 87 -4.23 73.20 -5.70
C LYS A 87 -4.92 73.37 -7.05
N ASN A 88 -4.60 74.43 -7.76
CA ASN A 88 -5.25 74.72 -9.04
C ASN A 88 -5.02 73.71 -10.17
N LEU A 89 -4.36 72.61 -9.86
CA LEU A 89 -4.08 71.60 -10.87
C LEU A 89 -5.37 70.96 -11.36
N GLY A 90 -5.58 70.94 -12.67
CA GLY A 90 -6.79 70.37 -13.23
C GLY A 90 -6.57 69.24 -14.22
N TRP A 91 -5.43 69.26 -14.89
CA TRP A 91 -5.09 68.21 -15.85
C TRP A 91 -3.74 67.66 -15.42
N LEU A 92 -3.64 66.35 -15.36
CA LEU A 92 -2.43 65.70 -14.90
C LEU A 92 -2.18 64.33 -15.53
N PHE A 93 -1.28 64.31 -16.52
CA PHE A 93 -0.94 63.08 -17.20
C PHE A 93 0.41 62.53 -16.72
N LEU A 94 0.42 61.25 -16.36
CA LEU A 94 1.60 60.60 -15.85
C LEU A 94 1.78 59.19 -16.41
N ASP A 95 1.46 59.01 -17.69
CA ASP A 95 1.62 57.72 -18.32
C ASP A 95 3.09 57.31 -18.29
N GLU A 96 3.35 56.06 -18.65
CA GLU A 96 4.69 55.49 -18.73
C GLU A 96 5.63 56.00 -17.65
N ASN A 97 5.30 55.72 -16.40
CA ASN A 97 6.15 56.13 -15.30
C ASN A 97 6.10 55.01 -14.28
N LYS A 98 6.64 55.24 -13.10
CA LYS A 98 6.61 54.23 -12.08
C LYS A 98 6.18 54.85 -10.78
N ILE A 99 5.02 55.49 -10.84
CA ILE A 99 4.43 56.17 -9.69
C ILE A 99 3.42 55.22 -9.04
N LYS A 100 3.56 55.00 -7.74
CA LYS A 100 2.66 54.11 -7.04
C LYS A 100 2.01 54.73 -5.80
N ASP A 101 2.69 55.65 -5.13
CA ASP A 101 2.09 56.28 -3.96
C ASP A 101 1.24 57.47 -4.40
N LEU A 102 -0.08 57.32 -4.31
CA LEU A 102 -1.01 58.36 -4.73
C LEU A 102 -1.45 59.30 -3.61
N SER A 103 -1.01 59.02 -2.39
CA SER A 103 -1.40 59.85 -1.24
C SER A 103 -1.10 61.33 -1.43
N SER A 104 -0.50 61.66 -2.56
CA SER A 104 -0.15 63.04 -2.86
C SER A 104 -1.25 63.75 -3.65
N LEU A 105 -2.20 62.98 -4.15
CA LEU A 105 -3.29 63.54 -4.95
C LEU A 105 -4.53 63.90 -4.14
N LYS A 106 -4.61 63.45 -2.90
CA LYS A 106 -5.82 63.68 -2.12
C LYS A 106 -6.28 65.11 -1.94
N ASP A 107 -5.40 66.09 -2.09
CA ASP A 107 -5.81 67.47 -1.92
C ASP A 107 -5.86 68.28 -3.21
N LEU A 108 -6.07 67.59 -4.32
CA LEU A 108 -6.16 68.26 -5.62
C LEU A 108 -7.63 68.20 -6.04
N LYS A 109 -8.49 68.88 -5.28
CA LYS A 109 -9.92 68.88 -5.52
C LYS A 109 -10.41 69.55 -6.80
N LYS A 110 -9.50 70.08 -7.59
CA LYS A 110 -9.91 70.72 -8.83
C LYS A 110 -9.46 69.88 -10.01
N LEU A 111 -8.92 68.70 -9.71
CA LEU A 111 -8.43 67.77 -10.72
C LEU A 111 -9.59 67.21 -11.53
N LYS A 112 -9.57 67.45 -12.83
CA LYS A 112 -10.64 66.97 -13.71
C LYS A 112 -10.29 65.71 -14.47
N SER A 113 -9.07 65.66 -14.97
CA SER A 113 -8.60 64.54 -15.76
C SER A 113 -7.29 63.97 -15.23
N LEU A 114 -7.27 62.66 -14.97
CA LEU A 114 -6.06 62.01 -14.46
C LEU A 114 -5.63 60.83 -15.33
N SER A 115 -4.34 60.76 -15.63
CA SER A 115 -3.85 59.67 -16.45
C SER A 115 -2.63 59.05 -15.79
N LEU A 116 -2.69 57.74 -15.61
CA LEU A 116 -1.62 57.00 -14.96
C LEU A 116 -1.33 55.67 -15.64
N GLU A 117 -1.66 55.54 -16.92
CA GLU A 117 -1.42 54.29 -17.63
C GLU A 117 0.07 53.88 -17.53
N HIS A 118 0.31 52.56 -17.50
CA HIS A 118 1.67 52.00 -17.42
C HIS A 118 2.54 52.42 -16.24
N ASN A 119 1.97 52.46 -15.05
CA ASN A 119 2.76 52.84 -13.87
C ASN A 119 2.97 51.67 -12.95
N GLY A 120 2.57 50.49 -13.39
CA GLY A 120 2.71 49.30 -12.57
C GLY A 120 1.94 49.44 -11.27
N ILE A 121 0.74 49.99 -11.35
CA ILE A 121 -0.11 50.20 -10.18
C ILE A 121 -1.00 49.00 -9.89
N SER A 122 -1.33 48.82 -8.61
CA SER A 122 -2.22 47.73 -8.21
C SER A 122 -3.20 48.24 -7.15
N ASP A 123 -2.73 49.17 -6.32
CA ASP A 123 -3.57 49.76 -5.27
C ASP A 123 -4.02 51.16 -5.67
N ILE A 124 -5.33 51.36 -5.75
CA ILE A 124 -5.86 52.65 -6.13
C ILE A 124 -6.84 53.24 -5.12
N ASN A 125 -6.84 52.73 -3.89
CA ASN A 125 -7.77 53.24 -2.87
C ASN A 125 -7.57 54.74 -2.61
N GLY A 126 -6.45 55.27 -3.08
CA GLY A 126 -6.17 56.68 -2.89
C GLY A 126 -7.07 57.57 -3.71
N LEU A 127 -7.43 57.13 -4.91
CA LEU A 127 -8.28 57.91 -5.79
C LEU A 127 -9.63 58.27 -5.17
N VAL A 128 -10.01 57.56 -4.12
CA VAL A 128 -11.29 57.80 -3.44
C VAL A 128 -11.46 59.25 -3.02
N HIS A 129 -10.36 59.99 -2.98
CA HIS A 129 -10.39 61.39 -2.59
C HIS A 129 -10.58 62.33 -3.79
N LEU A 130 -10.83 61.77 -4.97
CA LEU A 130 -11.01 62.59 -6.16
C LEU A 130 -12.40 62.47 -6.77
N PRO A 131 -13.45 62.53 -5.93
CA PRO A 131 -14.84 62.40 -6.39
C PRO A 131 -15.26 63.27 -7.57
N GLN A 132 -14.52 64.34 -7.81
CA GLN A 132 -14.88 65.24 -8.90
C GLN A 132 -14.22 64.91 -10.24
N LEU A 133 -13.42 63.85 -10.30
CA LEU A 133 -12.75 63.48 -11.55
C LEU A 133 -13.75 63.27 -12.68
N GLU A 134 -13.33 63.57 -13.90
CA GLU A 134 -14.20 63.43 -15.06
C GLU A 134 -13.64 62.45 -16.07
N SER A 135 -12.33 62.27 -16.02
CA SER A 135 -11.64 61.37 -16.91
C SER A 135 -10.52 60.73 -16.12
N LEU A 136 -10.47 59.40 -16.16
CA LEU A 136 -9.47 58.64 -15.44
C LEU A 136 -8.86 57.54 -16.33
N TYR A 137 -7.53 57.50 -16.39
CA TYR A 137 -6.87 56.49 -17.22
C TYR A 137 -5.90 55.64 -16.41
N LEU A 138 -6.22 54.35 -16.32
CA LEU A 138 -5.42 53.40 -15.56
C LEU A 138 -5.10 52.16 -16.36
N GLY A 139 -5.14 52.29 -17.68
CA GLY A 139 -4.84 51.16 -18.55
C GLY A 139 -3.44 50.61 -18.40
N ASN A 140 -3.33 49.28 -18.49
CA ASN A 140 -2.03 48.63 -18.40
C ASN A 140 -1.32 48.78 -17.06
N ASN A 141 -1.95 48.23 -16.04
CA ASN A 141 -1.41 48.24 -14.70
C ASN A 141 -1.68 46.86 -14.17
N LYS A 142 -1.66 46.69 -12.86
CA LYS A 142 -1.89 45.39 -12.25
C LYS A 142 -3.06 45.48 -11.28
N ILE A 143 -4.13 46.14 -11.73
CA ILE A 143 -5.29 46.33 -10.90
C ILE A 143 -6.25 45.16 -10.89
N THR A 144 -6.73 44.83 -9.70
CA THR A 144 -7.67 43.75 -9.53
C THR A 144 -8.96 44.23 -8.86
N ASP A 145 -8.83 45.17 -7.93
CA ASP A 145 -9.97 45.70 -7.17
C ASP A 145 -10.32 47.16 -7.39
N ILE A 146 -11.45 47.41 -8.04
CA ILE A 146 -11.90 48.76 -8.34
C ILE A 146 -13.10 49.22 -7.48
N THR A 147 -13.13 48.77 -6.23
CA THR A 147 -14.19 49.10 -5.28
C THR A 147 -14.44 50.59 -5.09
N VAL A 148 -13.36 51.35 -4.99
CA VAL A 148 -13.44 52.78 -4.76
C VAL A 148 -13.97 53.63 -5.90
N LEU A 149 -13.93 53.10 -7.12
CA LEU A 149 -14.42 53.84 -8.28
C LEU A 149 -15.91 54.18 -8.18
N SER A 150 -16.62 53.51 -7.26
CA SER A 150 -18.05 53.75 -7.09
C SER A 150 -18.32 55.18 -6.65
N ARG A 151 -17.32 55.81 -6.03
CA ARG A 151 -17.46 57.19 -5.57
C ARG A 151 -17.30 58.22 -6.69
N LEU A 152 -16.46 57.90 -7.67
CA LEU A 152 -16.20 58.79 -8.79
C LEU A 152 -17.40 58.84 -9.75
N THR A 153 -18.47 59.46 -9.27
CA THR A 153 -19.70 59.55 -10.03
C THR A 153 -19.74 60.67 -11.08
N LYS A 154 -18.65 61.40 -11.24
CA LYS A 154 -18.62 62.48 -12.24
C LYS A 154 -17.87 62.08 -13.51
N LEU A 155 -17.35 60.85 -13.52
CA LEU A 155 -16.62 60.32 -14.67
C LEU A 155 -17.52 60.05 -15.87
N ASP A 156 -17.06 60.49 -17.03
CA ASP A 156 -17.77 60.27 -18.28
C ASP A 156 -16.87 59.38 -19.11
N THR A 157 -15.59 59.38 -18.75
CA THR A 157 -14.56 58.59 -19.42
C THR A 157 -13.78 57.81 -18.37
N LEU A 158 -13.60 56.52 -18.61
CA LEU A 158 -12.88 55.66 -17.68
C LEU A 158 -12.20 54.54 -18.45
N SER A 159 -10.91 54.36 -18.20
CA SER A 159 -10.16 53.34 -18.89
C SER A 159 -9.40 52.50 -17.92
N LEU A 160 -9.62 51.19 -18.01
CA LEU A 160 -8.98 50.21 -17.13
C LEU A 160 -8.47 48.98 -17.86
N GLU A 161 -8.40 49.05 -19.19
CA GLU A 161 -7.95 47.90 -19.97
C GLU A 161 -6.54 47.42 -19.72
N ASP A 162 -6.39 46.10 -19.85
CA ASP A 162 -5.12 45.44 -19.65
C ASP A 162 -4.73 45.66 -18.20
N ASN A 163 -5.52 45.01 -17.35
CA ASN A 163 -5.37 44.98 -15.91
C ASN A 163 -5.89 43.60 -15.54
N GLN A 164 -5.95 43.30 -14.25
CA GLN A 164 -6.42 41.99 -13.83
C GLN A 164 -7.80 42.08 -13.15
N ILE A 165 -8.67 42.93 -13.69
CA ILE A 165 -9.99 43.11 -13.09
C ILE A 165 -10.99 41.98 -13.39
N SER A 166 -11.71 41.58 -12.35
CA SER A 166 -12.69 40.50 -12.43
C SER A 166 -14.08 40.96 -12.00
N ASP A 167 -14.12 41.77 -10.94
CA ASP A 167 -15.33 42.30 -10.34
C ASP A 167 -15.60 43.70 -10.84
N ILE A 168 -16.71 43.89 -11.55
CA ILE A 168 -16.97 45.23 -12.05
C ILE A 168 -18.23 45.84 -11.44
N VAL A 169 -18.78 45.15 -10.45
CA VAL A 169 -19.96 45.64 -9.75
C VAL A 169 -19.76 47.09 -9.29
N PRO A 170 -18.52 47.45 -8.90
CA PRO A 170 -18.20 48.82 -8.46
C PRO A 170 -18.65 49.88 -9.44
N LEU A 171 -19.01 49.48 -10.66
CA LEU A 171 -19.40 50.44 -11.68
C LEU A 171 -20.89 50.54 -11.92
N ALA A 172 -21.65 49.60 -11.35
CA ALA A 172 -23.11 49.57 -11.55
C ALA A 172 -23.78 50.94 -11.44
N GLY A 173 -23.24 51.81 -10.59
CA GLY A 173 -23.84 53.11 -10.44
C GLY A 173 -23.35 54.27 -11.28
N LEU A 174 -22.20 54.16 -11.93
CA LEU A 174 -21.65 55.27 -12.73
C LEU A 174 -22.41 55.53 -14.00
N THR A 175 -23.70 55.80 -13.87
CA THR A 175 -24.58 56.06 -15.00
C THR A 175 -24.09 57.22 -15.86
N LYS A 176 -23.29 58.11 -15.30
CA LYS A 176 -22.80 59.22 -16.11
C LYS A 176 -21.77 58.79 -17.17
N LEU A 177 -21.22 57.57 -17.04
CA LEU A 177 -20.22 57.09 -17.97
C LEU A 177 -20.62 57.12 -19.45
N GLN A 178 -19.67 57.54 -20.30
CA GLN A 178 -19.88 57.61 -21.75
C GLN A 178 -18.82 56.80 -22.49
N ASN A 179 -17.62 56.76 -21.91
CA ASN A 179 -16.48 56.06 -22.47
C ASN A 179 -15.91 55.12 -21.43
N LEU A 180 -16.02 53.82 -21.70
CA LEU A 180 -15.54 52.80 -20.77
C LEU A 180 -14.74 51.70 -21.48
N TYR A 181 -13.50 51.54 -21.03
CA TYR A 181 -12.59 50.56 -21.60
C TYR A 181 -12.25 49.46 -20.62
N LEU A 182 -12.66 48.24 -20.94
CA LEU A 182 -12.45 47.10 -20.05
C LEU A 182 -11.79 45.88 -20.69
N SER A 183 -11.19 46.06 -21.86
CA SER A 183 -10.54 44.95 -22.55
C SER A 183 -9.31 44.42 -21.81
N LYS A 184 -8.95 43.19 -22.15
CA LYS A 184 -7.80 42.51 -21.54
C LYS A 184 -7.88 42.57 -20.03
N ASN A 185 -8.93 41.96 -19.51
CA ASN A 185 -9.18 41.85 -18.10
C ASN A 185 -9.73 40.45 -17.89
N HIS A 186 -10.19 40.12 -16.69
CA HIS A 186 -10.70 38.78 -16.41
C HIS A 186 -12.21 38.75 -16.25
N ILE A 187 -12.88 39.69 -16.91
CA ILE A 187 -14.33 39.81 -16.81
C ILE A 187 -15.09 38.69 -17.54
N SER A 188 -16.09 38.12 -16.88
CA SER A 188 -16.90 37.06 -17.49
C SER A 188 -18.38 37.24 -17.20
N ASP A 189 -18.71 38.36 -16.56
CA ASP A 189 -20.08 38.69 -16.15
C ASP A 189 -20.30 40.18 -16.40
N LEU A 190 -21.23 40.51 -17.29
CA LEU A 190 -21.49 41.91 -17.59
C LEU A 190 -22.77 42.45 -16.98
N ARG A 191 -23.36 41.72 -16.05
CA ARG A 191 -24.62 42.19 -15.45
C ARG A 191 -24.45 43.56 -14.83
N ALA A 192 -23.34 43.78 -14.15
CA ALA A 192 -23.09 45.07 -13.52
C ALA A 192 -23.14 46.27 -14.47
N LEU A 193 -23.07 46.04 -15.78
CA LEU A 193 -23.09 47.17 -16.74
C LEU A 193 -24.47 47.49 -17.29
N ALA A 194 -25.45 46.67 -16.93
CA ALA A 194 -26.82 46.83 -17.41
C ALA A 194 -27.48 48.20 -17.33
N GLY A 195 -26.99 49.07 -16.44
CA GLY A 195 -27.62 50.38 -16.33
C GLY A 195 -26.92 51.59 -16.94
N LEU A 196 -25.73 51.41 -17.51
CA LEU A 196 -25.00 52.55 -18.10
C LEU A 196 -25.60 52.96 -19.46
N LYS A 197 -26.77 53.57 -19.43
CA LYS A 197 -27.45 53.97 -20.66
C LYS A 197 -26.78 55.11 -21.44
N ASN A 198 -25.81 55.78 -20.85
CA ASN A 198 -25.15 56.87 -21.54
C ASN A 198 -23.86 56.55 -22.27
N LEU A 199 -23.50 55.28 -22.33
CA LEU A 199 -22.29 54.87 -23.03
C LEU A 199 -22.30 55.15 -24.54
N ASP A 200 -21.18 55.67 -25.02
CA ASP A 200 -21.02 55.91 -26.45
C ASP A 200 -19.91 54.96 -26.92
N VAL A 201 -18.90 54.83 -26.09
CA VAL A 201 -17.77 53.96 -26.37
C VAL A 201 -17.66 52.90 -25.30
N LEU A 202 -17.57 51.65 -25.74
CA LEU A 202 -17.45 50.55 -24.82
C LEU A 202 -16.57 49.47 -25.45
N GLU A 203 -15.58 49.01 -24.71
CA GLU A 203 -14.67 47.98 -25.19
C GLU A 203 -14.51 46.85 -24.19
N LEU A 204 -14.76 45.62 -24.65
CA LEU A 204 -14.69 44.44 -23.80
C LEU A 204 -14.04 43.22 -24.46
N PHE A 205 -13.15 43.41 -25.43
CA PHE A 205 -12.52 42.26 -26.10
C PHE A 205 -11.40 41.63 -25.29
N SER A 206 -10.98 40.44 -25.72
CA SER A 206 -9.91 39.67 -25.12
C SER A 206 -9.93 39.52 -23.62
N GLN A 207 -10.93 38.84 -23.10
CA GLN A 207 -10.98 38.61 -21.67
C GLN A 207 -10.32 37.25 -21.39
N GLU A 208 -9.67 37.13 -20.23
CA GLU A 208 -9.04 35.87 -19.83
C GLU A 208 -9.60 35.48 -18.48
N CYS A 209 -10.43 34.45 -18.47
CA CYS A 209 -11.08 33.98 -17.26
C CYS A 209 -10.60 32.58 -16.85
N LEU A 210 -9.93 32.52 -15.71
CA LEU A 210 -9.39 31.25 -15.17
C LEU A 210 -10.21 30.64 -14.02
N ASN A 211 -10.71 29.44 -14.22
CA ASN A 211 -11.47 28.73 -13.20
C ASN A 211 -10.57 28.09 -12.14
N LYS A 212 -11.17 27.61 -11.05
CA LYS A 212 -10.38 26.95 -10.02
C LYS A 212 -10.38 25.47 -10.42
N PRO A 213 -9.19 24.85 -10.41
CA PRO A 213 -8.98 23.45 -10.77
C PRO A 213 -10.03 22.48 -10.26
N ILE A 214 -10.33 21.48 -11.06
CA ILE A 214 -11.29 20.45 -10.70
C ILE A 214 -10.68 19.12 -11.12
N ASN A 215 -11.14 18.03 -10.52
CA ASN A 215 -10.60 16.73 -10.86
C ASN A 215 -10.96 16.34 -12.27
N HIS A 216 -10.03 15.65 -12.92
CA HIS A 216 -10.25 15.17 -14.27
C HIS A 216 -11.19 13.97 -14.29
N GLN A 217 -12.05 13.93 -15.30
CA GLN A 217 -12.99 12.84 -15.48
C GLN A 217 -13.06 12.48 -16.96
N SER A 218 -13.94 11.55 -17.29
CA SER A 218 -14.10 11.12 -18.67
C SER A 218 -15.45 11.62 -19.16
N ASN A 219 -16.26 12.08 -18.22
CA ASN A 219 -17.58 12.57 -18.52
C ASN A 219 -17.61 14.08 -18.35
N LEU A 220 -16.51 14.63 -17.86
CA LEU A 220 -16.35 16.05 -17.58
C LEU A 220 -17.51 16.99 -17.92
N VAL A 221 -17.99 17.70 -16.90
CA VAL A 221 -19.09 18.64 -17.07
C VAL A 221 -18.72 19.95 -16.38
N VAL A 222 -18.82 21.06 -17.10
CA VAL A 222 -18.46 22.34 -16.54
C VAL A 222 -19.50 23.39 -16.83
N PRO A 223 -20.06 23.98 -15.77
CA PRO A 223 -21.08 25.01 -15.95
C PRO A 223 -20.55 26.22 -16.74
N ASN A 224 -21.37 26.73 -17.63
CA ASN A 224 -20.99 27.88 -18.41
C ASN A 224 -21.30 29.07 -17.51
N THR A 225 -20.26 29.83 -17.16
CA THR A 225 -20.39 30.95 -16.25
C THR A 225 -20.29 32.32 -16.91
N VAL A 226 -20.33 32.38 -18.23
CA VAL A 226 -20.22 33.66 -18.92
C VAL A 226 -21.61 34.28 -19.11
N LYS A 227 -21.87 35.38 -18.42
CA LYS A 227 -23.19 36.02 -18.51
C LYS A 227 -23.20 37.33 -19.27
N ASN A 228 -24.29 37.54 -20.00
CA ASN A 228 -24.50 38.74 -20.76
C ASN A 228 -25.12 39.81 -19.84
N THR A 229 -25.18 41.05 -20.33
CA THR A 229 -25.79 42.16 -19.62
C THR A 229 -27.14 41.67 -19.10
N ASP A 230 -27.84 40.95 -19.97
CA ASP A 230 -29.16 40.34 -19.75
C ASP A 230 -29.21 39.49 -18.48
N GLY A 231 -28.25 38.58 -18.38
CA GLY A 231 -28.19 37.65 -17.27
C GLY A 231 -28.14 36.28 -17.92
N SER A 232 -28.48 36.28 -19.21
CA SER A 232 -28.49 35.09 -20.04
C SER A 232 -27.08 34.58 -20.26
N LEU A 233 -26.96 33.28 -20.42
CA LEU A 233 -25.66 32.64 -20.67
C LEU A 233 -25.20 32.94 -22.10
N VAL A 234 -23.90 33.21 -22.26
CA VAL A 234 -23.31 33.46 -23.57
C VAL A 234 -22.97 32.09 -24.15
N THR A 235 -23.45 31.79 -25.34
CA THR A 235 -23.13 30.47 -25.91
C THR A 235 -21.68 30.40 -26.39
N PRO A 236 -20.95 29.33 -26.02
CA PRO A 236 -19.55 29.15 -26.44
C PRO A 236 -19.37 29.01 -27.96
N GLU A 237 -18.50 29.84 -28.56
CA GLU A 237 -18.23 29.75 -30.02
C GLU A 237 -17.42 28.51 -30.30
N ILE A 238 -16.21 28.49 -29.75
CA ILE A 238 -15.27 27.41 -29.97
C ILE A 238 -14.91 26.63 -28.70
N ILE A 239 -15.30 25.37 -28.64
CA ILE A 239 -14.99 24.53 -27.50
C ILE A 239 -13.81 23.62 -27.83
N SER A 240 -12.82 23.58 -26.95
CA SER A 240 -11.64 22.77 -27.18
C SER A 240 -11.94 21.27 -27.11
N ASP A 241 -10.88 20.47 -27.31
CA ASP A 241 -10.94 19.00 -27.26
C ASP A 241 -12.26 18.36 -27.65
N ASP A 242 -12.77 18.73 -28.81
CA ASP A 242 -14.00 18.14 -29.32
C ASP A 242 -15.14 18.19 -28.31
N GLY A 243 -15.14 19.22 -27.48
CA GLY A 243 -16.17 19.37 -26.47
C GLY A 243 -17.44 19.95 -27.04
N ASP A 244 -18.58 19.60 -26.47
CA ASP A 244 -19.85 20.10 -26.95
C ASP A 244 -20.52 20.98 -25.90
N TYR A 245 -21.71 21.49 -26.22
CA TYR A 245 -22.42 22.35 -25.30
C TYR A 245 -23.90 21.99 -25.19
N GLU A 246 -24.36 21.76 -23.95
CA GLU A 246 -25.74 21.42 -23.65
C GLU A 246 -26.31 22.43 -22.64
N LYS A 247 -27.60 22.70 -22.74
CA LYS A 247 -28.32 23.64 -21.87
C LYS A 247 -27.38 24.67 -21.23
N PRO A 248 -26.91 24.44 -19.97
CA PRO A 248 -26.01 25.50 -19.48
C PRO A 248 -24.60 24.93 -19.28
N ASN A 249 -24.39 23.68 -19.66
CA ASN A 249 -23.09 23.03 -19.49
C ASN A 249 -22.26 22.80 -20.74
N VAL A 250 -20.95 22.90 -20.58
CA VAL A 250 -20.00 22.62 -21.65
C VAL A 250 -19.52 21.24 -21.25
N LYS A 251 -19.58 20.28 -22.17
CA LYS A 251 -19.17 18.92 -21.85
C LYS A 251 -18.04 18.38 -22.71
N TRP A 252 -17.17 17.58 -22.08
CA TRP A 252 -16.04 16.99 -22.77
C TRP A 252 -16.06 15.48 -22.59
N HIS A 253 -15.41 14.74 -23.48
CA HIS A 253 -15.38 13.29 -23.34
C HIS A 253 -14.04 12.77 -22.81
N LEU A 254 -13.03 13.62 -22.80
CA LEU A 254 -11.69 13.28 -22.32
C LEU A 254 -11.46 11.87 -21.76
N PRO A 255 -11.34 10.86 -22.64
CA PRO A 255 -11.12 9.48 -22.19
C PRO A 255 -9.78 9.30 -21.49
N GLU A 256 -8.74 9.96 -22.00
CA GLU A 256 -7.43 9.87 -21.37
C GLU A 256 -7.34 11.04 -20.39
N PHE A 257 -6.15 11.60 -20.22
CA PHE A 257 -5.99 12.71 -19.29
C PHE A 257 -5.26 13.90 -19.90
N THR A 258 -5.68 15.11 -19.52
CA THR A 258 -5.04 16.34 -20.00
C THR A 258 -5.00 17.44 -18.95
N ASN A 259 -3.96 18.26 -19.03
CA ASN A 259 -3.73 19.38 -18.14
C ASN A 259 -4.98 20.22 -17.91
N GLU A 260 -5.47 20.83 -18.98
CA GLU A 260 -6.63 21.70 -18.93
C GLU A 260 -7.55 21.56 -20.12
N VAL A 261 -8.64 22.31 -20.11
CA VAL A 261 -9.60 22.27 -21.19
C VAL A 261 -10.08 23.72 -21.30
N SER A 262 -10.89 24.04 -22.31
CA SER A 262 -11.36 25.42 -22.44
C SER A 262 -12.31 25.67 -23.57
N PHE A 263 -12.93 26.84 -23.57
CA PHE A 263 -13.83 27.23 -24.63
C PHE A 263 -13.60 28.71 -24.84
N ILE A 264 -14.07 29.23 -25.96
CA ILE A 264 -13.89 30.62 -26.31
C ILE A 264 -15.26 31.25 -26.50
N PHE A 265 -15.45 32.49 -26.05
CA PHE A 265 -16.76 33.09 -26.26
C PHE A 265 -16.55 34.40 -27.03
N TYR A 266 -17.50 34.70 -27.92
CA TYR A 266 -17.48 35.89 -28.75
C TYR A 266 -18.91 36.31 -28.91
N GLN A 267 -19.29 37.42 -28.31
CA GLN A 267 -20.66 37.87 -28.36
C GLN A 267 -20.76 39.39 -28.50
N PRO A 268 -21.34 39.87 -29.60
CA PRO A 268 -21.46 41.32 -29.78
C PRO A 268 -22.52 41.81 -28.79
N VAL A 269 -22.18 42.84 -28.01
CA VAL A 269 -23.11 43.38 -27.04
C VAL A 269 -23.32 44.86 -27.26
N THR A 270 -24.49 45.34 -26.86
CA THR A 270 -24.77 46.75 -26.97
C THR A 270 -25.47 47.22 -25.68
N ILE A 271 -24.92 48.27 -25.09
CA ILE A 271 -25.47 48.82 -23.87
C ILE A 271 -25.46 50.33 -24.03
N GLY A 272 -26.64 50.93 -23.96
CA GLY A 272 -26.76 52.37 -24.13
C GLY A 272 -26.78 52.57 -25.63
N LYS A 273 -25.90 53.42 -26.13
CA LYS A 273 -25.80 53.65 -27.55
C LYS A 273 -24.39 53.21 -27.97
N ALA A 274 -23.83 52.24 -27.26
CA ALA A 274 -22.49 51.77 -27.57
C ALA A 274 -22.43 50.29 -27.92
N LYS A 275 -21.64 49.97 -28.94
CA LYS A 275 -21.44 48.60 -29.39
C LYS A 275 -20.10 48.13 -28.87
N ALA A 276 -19.98 46.83 -28.65
CA ALA A 276 -18.74 46.28 -28.19
C ALA A 276 -18.74 44.81 -28.45
N ARG A 277 -17.55 44.22 -28.36
CA ARG A 277 -17.40 42.79 -28.56
C ARG A 277 -16.99 42.14 -27.26
N PHE A 278 -17.89 41.36 -26.69
CA PHE A 278 -17.56 40.69 -25.45
C PHE A 278 -16.97 39.35 -25.83
N HIS A 279 -15.65 39.26 -25.73
CA HIS A 279 -14.94 38.05 -26.12
C HIS A 279 -13.74 37.72 -25.23
N GLY A 280 -13.42 36.44 -25.16
CA GLY A 280 -12.29 36.03 -24.36
C GLY A 280 -12.37 34.53 -24.31
N ARG A 281 -11.45 33.96 -23.54
CA ARG A 281 -11.32 32.54 -23.31
C ARG A 281 -11.51 32.20 -21.84
N VAL A 282 -12.07 31.01 -21.55
CA VAL A 282 -12.27 30.55 -20.19
C VAL A 282 -11.50 29.24 -20.08
N THR A 283 -10.41 29.22 -19.32
CA THR A 283 -9.59 28.02 -19.12
C THR A 283 -10.05 27.20 -17.90
N GLN A 284 -10.08 25.88 -18.06
CA GLN A 284 -10.49 24.97 -16.99
C GLN A 284 -9.42 23.95 -16.58
N PRO A 285 -8.56 24.30 -15.61
CA PRO A 285 -7.49 23.43 -15.12
C PRO A 285 -8.03 22.12 -14.55
N LEU A 286 -7.37 21.01 -14.86
CA LEU A 286 -7.74 19.69 -14.36
C LEU A 286 -6.54 19.05 -13.65
N GLU A 358 -12.00 -23.63 8.65
CA GLU A 358 -12.21 -24.03 7.23
C GLU A 358 -10.88 -24.04 6.47
N THR A 359 -9.85 -23.47 7.09
CA THR A 359 -8.52 -23.39 6.49
C THR A 359 -8.21 -24.54 5.53
N THR A 360 -7.90 -24.23 4.28
CA THR A 360 -7.60 -25.26 3.30
C THR A 360 -6.42 -24.89 2.41
N GLU A 361 -5.44 -25.79 2.31
CA GLU A 361 -4.24 -25.58 1.51
C GLU A 361 -4.32 -26.54 0.32
N LYS A 362 -5.55 -26.81 -0.13
CA LYS A 362 -5.83 -27.75 -1.21
C LYS A 362 -5.35 -27.45 -2.63
N THR A 363 -4.05 -27.63 -2.87
CA THR A 363 -3.48 -27.43 -4.20
C THR A 363 -2.31 -28.40 -4.25
N VAL A 364 -2.30 -29.32 -3.28
CA VAL A 364 -1.25 -30.32 -3.14
C VAL A 364 -1.80 -31.75 -3.23
N ASN A 365 -0.92 -32.67 -3.63
CA ASN A 365 -1.26 -34.08 -3.76
C ASN A 365 -0.11 -34.93 -3.21
N LEU A 366 -0.25 -35.37 -1.96
CA LEU A 366 0.79 -36.17 -1.31
C LEU A 366 0.59 -37.67 -1.57
N THR A 367 1.60 -38.45 -1.22
CA THR A 367 1.56 -39.91 -1.38
C THR A 367 1.96 -40.54 -0.06
N ARG A 368 0.99 -40.68 0.84
CA ARG A 368 1.25 -41.26 2.15
C ARG A 368 0.63 -42.65 2.37
N TYR A 369 1.05 -43.30 3.46
CA TYR A 369 0.56 -44.63 3.81
C TYR A 369 0.24 -44.58 5.30
N VAL A 370 -1.03 -44.74 5.65
CA VAL A 370 -1.43 -44.71 7.05
C VAL A 370 -0.64 -45.68 7.91
N LYS A 371 -0.11 -45.19 9.03
CA LYS A 371 0.67 -46.01 9.95
C LYS A 371 -0.18 -47.22 10.33
N TYR A 372 0.32 -48.42 10.02
CA TYR A 372 -0.42 -49.65 10.30
C TYR A 372 -1.06 -49.64 11.68
N ILE A 373 -0.32 -49.13 12.67
CA ILE A 373 -0.83 -49.06 14.03
C ILE A 373 -1.94 -48.02 14.08
N ARG A 374 -2.59 -47.92 15.24
CA ARG A 374 -3.68 -46.96 15.42
C ARG A 374 -4.58 -46.94 14.19
N GLY A 375 -4.69 -48.10 13.55
CA GLY A 375 -5.55 -48.20 12.38
C GLY A 375 -6.98 -48.10 12.83
N ASN A 376 -7.18 -47.68 14.07
CA ASN A 376 -8.51 -47.52 14.62
C ASN A 376 -8.81 -46.03 14.57
N ALA A 377 -8.01 -45.33 13.76
CA ALA A 377 -8.15 -43.89 13.58
C ALA A 377 -9.49 -43.56 12.95
N GLY A 378 -10.31 -42.79 13.67
CA GLY A 378 -11.61 -42.41 13.16
C GLY A 378 -11.56 -41.32 12.09
N ILE A 379 -12.37 -41.48 11.05
CA ILE A 379 -12.44 -40.50 9.97
C ILE A 379 -13.71 -39.67 10.11
N TYR A 380 -13.57 -38.37 9.89
CA TYR A 380 -14.69 -37.45 10.00
C TYR A 380 -14.92 -36.72 8.68
N LYS A 381 -16.10 -36.10 8.55
CA LYS A 381 -16.47 -35.37 7.33
C LYS A 381 -15.73 -34.03 7.24
N LEU A 382 -15.75 -33.28 8.33
CA LEU A 382 -15.09 -31.98 8.42
C LEU A 382 -13.98 -32.08 9.46
N PRO A 383 -12.89 -31.30 9.33
CA PRO A 383 -11.80 -31.36 10.31
C PRO A 383 -12.23 -30.95 11.72
N ARG A 384 -12.88 -31.86 12.42
CA ARG A 384 -13.33 -31.64 13.79
C ARG A 384 -13.34 -32.99 14.52
N GLU A 385 -13.27 -32.96 15.84
CA GLU A 385 -13.28 -34.20 16.62
C GLU A 385 -14.61 -34.36 17.35
N ASP A 386 -15.65 -34.70 16.58
CA ASP A 386 -16.98 -34.91 17.12
C ASP A 386 -17.55 -36.17 16.47
N ASN A 387 -17.79 -37.19 17.28
CA ASN A 387 -18.30 -38.48 16.80
C ASN A 387 -19.56 -38.38 15.94
N SER A 388 -20.30 -37.29 16.06
CA SER A 388 -21.52 -37.10 15.27
C SER A 388 -21.17 -36.82 13.82
N LEU A 389 -19.90 -36.48 13.57
CA LEU A 389 -19.42 -36.19 12.23
C LEU A 389 -18.36 -37.20 11.80
N LYS A 390 -18.49 -38.44 12.30
CA LYS A 390 -17.55 -39.50 11.98
C LYS A 390 -18.03 -40.36 10.81
N GLN A 391 -17.42 -40.17 9.64
CA GLN A 391 -17.80 -40.93 8.45
C GLN A 391 -17.51 -42.42 8.57
N GLY A 392 -16.68 -42.79 9.54
CA GLY A 392 -16.35 -44.19 9.72
C GLY A 392 -15.07 -44.47 10.49
N THR A 393 -14.19 -45.25 9.88
CA THR A 393 -12.91 -45.62 10.50
C THR A 393 -11.87 -45.98 9.45
N LEU A 394 -10.66 -45.48 9.63
CA LEU A 394 -9.58 -45.77 8.70
C LEU A 394 -8.86 -47.02 9.19
N ALA A 395 -8.74 -48.02 8.32
CA ALA A 395 -8.09 -49.28 8.68
C ALA A 395 -8.14 -50.17 7.47
N SER A 396 -9.15 -49.94 6.64
CA SER A 396 -9.37 -50.71 5.43
C SER A 396 -8.38 -50.31 4.34
N HIS A 397 -7.61 -49.25 4.59
CA HIS A 397 -6.67 -48.77 3.59
C HIS A 397 -5.21 -48.86 4.04
N ARG A 398 -4.96 -49.59 5.13
CA ARG A 398 -3.64 -49.76 5.72
C ARG A 398 -2.35 -49.93 4.90
N CYS A 399 -2.36 -50.66 3.80
CA CYS A 399 -1.09 -50.85 3.10
C CYS A 399 -1.03 -50.47 1.64
N LYS A 400 -1.50 -49.26 1.33
CA LYS A 400 -1.51 -48.78 -0.05
C LYS A 400 -0.93 -47.38 -0.21
N ALA A 401 -0.45 -47.09 -1.43
CA ALA A 401 0.09 -45.77 -1.75
C ALA A 401 -1.12 -44.85 -1.97
N LEU A 402 -1.30 -43.86 -1.10
CA LEU A 402 -2.44 -42.95 -1.21
C LEU A 402 -2.09 -41.52 -1.62
N THR A 403 -3.13 -40.69 -1.79
CA THR A 403 -2.95 -39.29 -2.18
C THR A 403 -3.92 -38.36 -1.44
N VAL A 404 -3.36 -37.50 -0.58
CA VAL A 404 -4.18 -36.54 0.17
C VAL A 404 -4.29 -35.31 -0.72
N ASP A 405 -4.87 -34.24 -0.18
CA ASP A 405 -5.01 -33.01 -0.95
C ASP A 405 -5.36 -31.81 -0.08
N ARG A 406 -6.61 -31.76 0.35
CA ARG A 406 -7.11 -30.66 1.15
C ARG A 406 -6.69 -30.74 2.62
N GLU A 407 -5.61 -30.02 2.95
CA GLU A 407 -5.08 -30.00 4.31
C GLU A 407 -5.92 -29.09 5.20
N ALA A 408 -5.47 -28.82 6.42
CA ALA A 408 -6.22 -27.97 7.34
C ALA A 408 -5.46 -27.72 8.63
N ARG A 409 -6.11 -27.03 9.57
CA ARG A 409 -5.53 -26.72 10.87
C ARG A 409 -6.57 -26.24 11.86
N ASN A 410 -7.34 -27.16 12.43
CA ASN A 410 -8.36 -26.80 13.41
C ASN A 410 -7.86 -27.01 14.83
N GLY A 411 -8.15 -26.06 15.71
CA GLY A 411 -7.70 -26.16 17.09
C GLY A 411 -6.19 -26.22 17.16
N GLY A 412 -5.55 -25.91 16.04
CA GLY A 412 -4.10 -25.93 15.97
C GLY A 412 -3.57 -27.17 15.29
N LYS A 413 -4.25 -28.30 15.49
CA LYS A 413 -3.84 -29.57 14.90
C LYS A 413 -4.18 -29.69 13.40
N LEU A 414 -3.24 -30.22 12.63
CA LEU A 414 -3.40 -30.40 11.19
C LEU A 414 -4.20 -31.64 10.81
N TRP A 415 -5.06 -31.51 9.80
CA TRP A 415 -5.88 -32.63 9.32
C TRP A 415 -5.57 -32.85 7.84
N TYR A 416 -6.08 -33.96 7.30
CA TYR A 416 -5.86 -34.28 5.89
C TYR A 416 -7.10 -34.81 5.18
N ARG A 417 -7.18 -34.53 3.89
CA ARG A 417 -8.30 -34.98 3.07
C ARG A 417 -7.77 -36.05 2.14
N LEU A 418 -8.22 -37.28 2.32
CA LEU A 418 -7.77 -38.37 1.48
C LEU A 418 -8.63 -38.42 0.23
N LYS A 419 -7.97 -38.58 -0.93
CA LYS A 419 -8.69 -38.64 -2.20
C LYS A 419 -9.82 -39.65 -2.13
N ASN A 420 -11.04 -39.16 -2.23
CA ASN A 420 -12.25 -39.98 -2.19
C ASN A 420 -12.59 -40.43 -0.77
N ILE A 421 -11.62 -40.28 0.14
CA ILE A 421 -11.81 -40.67 1.54
C ILE A 421 -11.96 -39.45 2.44
N GLY A 422 -12.58 -39.66 3.61
CA GLY A 422 -12.82 -38.58 4.55
C GLY A 422 -11.67 -37.75 5.10
N TRP A 423 -11.89 -37.24 6.30
CA TRP A 423 -10.92 -36.40 7.00
C TRP A 423 -10.49 -36.92 8.37
N THR A 424 -9.16 -36.96 8.59
CA THR A 424 -8.60 -37.43 9.85
C THR A 424 -7.51 -36.45 10.32
N LYS A 425 -6.71 -36.87 11.30
CA LYS A 425 -5.63 -36.03 11.82
C LYS A 425 -4.30 -36.39 11.15
N ALA A 426 -3.37 -35.44 11.15
CA ALA A 426 -2.05 -35.65 10.55
C ALA A 426 -1.23 -36.74 11.26
N GLU A 427 -1.44 -36.87 12.57
CA GLU A 427 -0.74 -37.87 13.34
C GLU A 427 -1.03 -39.24 12.78
N ASN A 428 -2.30 -39.57 12.68
CA ASN A 428 -2.75 -40.84 12.17
C ASN A 428 -2.06 -41.27 10.87
N LEU A 429 -2.11 -40.45 9.84
CA LEU A 429 -1.45 -40.83 8.58
C LEU A 429 0.06 -40.67 8.72
N SER A 430 0.82 -41.46 7.96
CA SER A 430 2.27 -41.39 8.03
C SER A 430 2.93 -41.23 6.67
N LEU A 431 4.26 -41.41 6.64
CA LEU A 431 5.05 -41.25 5.43
C LEU A 431 5.10 -42.44 4.49
N ASP A 432 5.66 -43.56 4.94
CA ASP A 432 5.75 -44.76 4.11
C ASP A 432 5.41 -46.04 4.90
N ARG A 433 5.42 -47.18 4.22
CA ARG A 433 5.11 -48.47 4.85
C ARG A 433 6.13 -48.78 5.95
N TYR A 434 5.80 -48.41 7.18
CA TYR A 434 6.69 -48.62 8.32
C TYR A 434 7.30 -50.01 8.32
N ASP A 435 8.51 -50.12 8.86
CA ASP A 435 9.22 -51.39 8.94
C ASP A 435 10.12 -51.42 10.17
N LYS A 436 10.49 -50.23 10.66
CA LYS A 436 11.36 -50.11 11.82
C LYS A 436 10.97 -51.08 12.94
N MET A 437 11.86 -52.03 13.21
CA MET A 437 11.64 -53.04 14.23
C MET A 437 12.24 -52.57 15.55
N GLU A 438 13.15 -51.59 15.46
CA GLU A 438 13.78 -51.02 16.64
C GLU A 438 14.78 -51.94 17.36
N TYR A 439 15.11 -53.08 16.74
CA TYR A 439 16.08 -54.06 17.26
C TYR A 439 15.84 -55.53 16.89
N ASP A 440 16.94 -56.22 16.60
CA ASP A 440 16.91 -57.64 16.24
C ASP A 440 17.98 -58.31 17.10
N LYS A 441 17.56 -58.98 18.17
CA LYS A 441 18.50 -59.62 19.08
C LYS A 441 18.83 -61.07 18.74
N GLY A 442 18.00 -61.97 19.21
CA GLY A 442 18.22 -63.39 18.97
C GLY A 442 18.58 -64.07 20.27
N VAL A 443 17.63 -64.11 21.20
CA VAL A 443 17.85 -64.72 22.49
C VAL A 443 17.74 -66.25 22.49
N THR A 444 17.18 -66.78 23.57
CA THR A 444 17.03 -68.22 23.75
C THR A 444 15.69 -68.58 24.40
N ALA A 445 14.90 -69.41 23.72
CA ALA A 445 13.61 -69.85 24.25
C ALA A 445 12.94 -70.89 23.37
N TYR A 446 11.91 -71.51 23.93
CA TYR A 446 11.13 -72.52 23.22
C TYR A 446 9.64 -72.28 23.42
N ALA A 447 8.89 -72.31 22.32
CA ALA A 447 7.46 -72.07 22.41
C ALA A 447 6.63 -73.12 21.68
N ARG A 448 5.32 -72.97 21.79
CA ARG A 448 4.35 -73.86 21.18
C ARG A 448 3.16 -73.00 20.77
N VAL A 449 2.69 -73.17 19.54
CA VAL A 449 1.56 -72.40 19.05
C VAL A 449 0.37 -72.38 20.01
N ARG A 450 0.07 -71.20 20.53
CA ARG A 450 -1.04 -71.01 21.47
C ARG A 450 -2.17 -70.29 20.73
N ASN A 451 -2.95 -71.07 19.98
CA ASN A 451 -4.06 -70.55 19.20
C ASN A 451 -3.53 -69.75 18.01
N ALA A 452 -3.48 -70.42 16.86
CA ALA A 452 -2.99 -69.82 15.62
C ALA A 452 -4.10 -69.07 14.90
N SER A 453 -5.33 -69.35 15.31
CA SER A 453 -6.51 -68.74 14.71
C SER A 453 -6.34 -67.25 14.39
N GLY A 454 -5.90 -66.95 13.17
CA GLY A 454 -5.74 -65.57 12.78
C GLY A 454 -4.35 -65.09 12.42
N ASN A 455 -3.31 -65.83 12.81
CA ASN A 455 -1.94 -65.40 12.51
C ASN A 455 -1.22 -66.25 11.48
N SER A 456 -0.12 -65.72 10.98
CA SER A 456 0.70 -66.44 10.01
C SER A 456 2.16 -66.39 10.42
N VAL A 457 3.03 -66.82 9.50
CA VAL A 457 4.46 -66.83 9.73
C VAL A 457 5.07 -66.16 8.51
N TRP A 458 6.01 -65.23 8.72
CA TRP A 458 6.60 -64.53 7.59
C TRP A 458 8.13 -64.48 7.60
N THR A 459 8.69 -63.98 6.50
CA THR A 459 10.13 -63.87 6.32
C THR A 459 10.91 -62.99 7.33
N LYS A 460 10.28 -61.92 7.84
CA LYS A 460 10.88 -60.97 8.80
C LYS A 460 9.68 -60.13 9.19
N PRO A 461 9.27 -60.17 10.48
CA PRO A 461 8.10 -59.45 11.01
C PRO A 461 7.16 -58.79 10.03
N TYR A 462 5.87 -59.06 10.22
CA TYR A 462 4.83 -58.54 9.34
C TYR A 462 4.99 -57.03 9.14
N ASN A 463 4.74 -56.58 7.92
CA ASN A 463 4.87 -55.17 7.58
C ASN A 463 6.35 -54.78 7.74
N THR A 464 7.17 -55.28 6.83
CA THR A 464 8.60 -55.02 6.83
C THR A 464 9.20 -55.34 5.46
N ALA A 465 10.18 -54.56 5.04
CA ALA A 465 10.82 -54.76 3.74
C ALA A 465 11.06 -56.24 3.46
N GLY A 466 10.77 -56.65 2.23
CA GLY A 466 10.98 -58.04 1.83
C GLY A 466 10.08 -59.07 2.47
N ALA A 467 9.43 -58.70 3.58
CA ALA A 467 8.55 -59.60 4.31
C ALA A 467 7.50 -60.28 3.44
N LYS A 468 7.78 -61.52 3.05
CA LYS A 468 6.85 -62.27 2.22
C LYS A 468 5.95 -63.12 3.12
N HIS A 469 5.41 -64.21 2.59
CA HIS A 469 4.50 -65.05 3.37
C HIS A 469 4.87 -66.52 3.43
N VAL A 470 4.49 -67.13 4.54
CA VAL A 470 4.71 -68.56 4.80
C VAL A 470 3.39 -69.02 5.42
N ASN A 471 3.05 -70.29 5.24
CA ASN A 471 1.80 -70.87 5.76
C ASN A 471 1.18 -70.22 7.00
N LYS A 472 -0.07 -70.57 7.29
CA LYS A 472 -0.75 -70.04 8.46
C LYS A 472 -0.02 -70.56 9.68
N LEU A 473 -0.22 -69.88 10.81
CA LEU A 473 0.44 -70.28 12.05
C LEU A 473 0.09 -71.72 12.40
N SER A 474 -1.16 -72.10 12.15
CA SER A 474 -1.65 -73.45 12.44
C SER A 474 -0.79 -74.55 11.85
N VAL A 475 -0.20 -74.28 10.68
CA VAL A 475 0.65 -75.24 9.99
C VAL A 475 1.84 -75.68 10.86
N TYR A 476 1.96 -75.11 12.06
CA TYR A 476 3.08 -75.47 12.93
C TYR A 476 2.67 -75.84 14.34
N GLN A 477 1.37 -76.03 14.56
CA GLN A 477 0.88 -76.37 15.88
C GLN A 477 1.40 -77.71 16.42
N GLY A 478 1.41 -77.84 17.74
CA GLY A 478 1.86 -79.06 18.38
C GLY A 478 3.35 -79.24 18.43
N LYS A 479 4.01 -79.02 17.30
CA LYS A 479 5.45 -79.16 17.19
C LYS A 479 6.18 -78.15 18.07
N ASN A 480 7.36 -78.54 18.57
CA ASN A 480 8.16 -77.65 19.41
C ASN A 480 8.97 -76.73 18.51
N MET A 481 8.81 -75.42 18.71
CA MET A 481 9.54 -74.47 17.89
C MET A 481 10.66 -73.75 18.66
N ARG A 482 11.85 -73.78 18.08
CA ARG A 482 13.04 -73.19 18.68
C ARG A 482 13.18 -71.69 18.41
N ILE A 483 13.03 -70.89 19.45
CA ILE A 483 13.15 -69.44 19.33
C ILE A 483 14.61 -69.03 19.05
N LEU A 484 14.84 -68.45 17.88
CA LEU A 484 16.19 -68.02 17.51
C LEU A 484 16.42 -66.52 17.61
N ARG A 485 15.35 -65.74 17.45
CA ARG A 485 15.46 -64.28 17.50
C ARG A 485 14.30 -63.51 18.13
N GLU A 486 14.53 -62.21 18.31
CA GLU A 486 13.56 -61.29 18.90
C GLU A 486 13.38 -60.07 18.00
N ALA A 487 12.28 -59.34 18.21
CA ALA A 487 11.98 -58.14 17.43
C ALA A 487 10.83 -57.41 18.10
N LYS A 488 10.67 -56.13 17.80
CA LYS A 488 9.60 -55.34 18.40
C LYS A 488 9.20 -54.14 17.56
N THR A 489 8.32 -54.34 16.59
CA THR A 489 7.85 -53.25 15.76
C THR A 489 6.70 -52.58 16.49
N PRO A 490 6.17 -51.47 15.95
CA PRO A 490 5.06 -50.71 16.53
C PRO A 490 3.90 -51.52 17.11
N ILE A 491 3.50 -52.59 16.44
CA ILE A 491 2.38 -53.39 16.90
C ILE A 491 2.69 -54.43 17.98
N THR A 492 3.70 -55.27 17.77
CA THR A 492 4.06 -56.28 18.76
C THR A 492 5.52 -56.71 18.61
N THR A 493 5.93 -57.67 19.43
CA THR A 493 7.29 -58.19 19.39
C THR A 493 7.31 -59.51 18.61
N TRP A 494 8.33 -59.68 17.78
CA TRP A 494 8.46 -60.88 16.96
C TRP A 494 9.53 -61.87 17.41
N TYR A 495 9.34 -63.14 17.04
CA TYR A 495 10.26 -64.22 17.37
C TYR A 495 10.59 -65.02 16.11
N GLN A 496 11.84 -65.02 15.69
CA GLN A 496 12.20 -65.83 14.53
C GLN A 496 12.28 -67.22 15.14
N PHE A 497 12.04 -68.27 14.34
CA PHE A 497 12.09 -69.60 14.89
C PHE A 497 12.37 -70.67 13.83
N SER A 498 12.65 -71.87 14.31
CA SER A 498 12.95 -73.00 13.44
C SER A 498 12.34 -74.29 14.00
N ILE A 499 12.20 -75.28 13.15
CA ILE A 499 11.68 -76.57 13.53
C ILE A 499 12.62 -77.59 12.90
N GLY A 500 12.89 -78.66 13.62
CA GLY A 500 13.79 -79.67 13.09
C GLY A 500 15.11 -79.04 12.65
N GLY A 501 15.48 -77.95 13.32
CA GLY A 501 16.73 -77.28 12.99
C GLY A 501 16.60 -76.20 11.93
N LYS A 502 15.80 -76.48 10.90
CA LYS A 502 15.59 -75.54 9.81
C LYS A 502 14.79 -74.31 10.25
N VAL A 503 15.25 -73.13 9.85
CA VAL A 503 14.58 -71.89 10.21
C VAL A 503 13.32 -71.72 9.39
N ILE A 504 12.27 -71.17 10.01
CA ILE A 504 11.01 -70.97 9.32
C ILE A 504 10.68 -69.48 9.13
N GLY A 505 10.63 -68.72 10.23
CA GLY A 505 10.33 -67.31 10.09
C GLY A 505 9.99 -66.59 11.39
N TRP A 506 9.26 -65.50 11.27
CA TRP A 506 8.87 -64.71 12.43
C TRP A 506 7.39 -64.87 12.76
N VAL A 507 7.04 -64.66 14.02
CA VAL A 507 5.67 -64.79 14.49
C VAL A 507 5.34 -63.93 15.69
N ASP A 508 4.11 -63.40 15.71
CA ASP A 508 3.62 -62.57 16.79
C ASP A 508 3.75 -63.36 18.10
N THR A 509 4.71 -62.98 18.93
CA THR A 509 4.97 -63.64 20.20
C THR A 509 3.77 -63.89 21.11
N ARG A 510 2.69 -63.13 20.95
CA ARG A 510 1.52 -63.33 21.81
C ARG A 510 0.64 -64.47 21.30
N ALA A 511 0.98 -64.96 20.11
CA ALA A 511 0.25 -66.06 19.50
C ALA A 511 0.85 -67.37 19.99
N LEU A 512 2.08 -67.28 20.47
CA LEU A 512 2.82 -68.45 20.95
C LEU A 512 2.78 -68.59 22.46
N ASN A 513 3.37 -69.68 22.94
CA ASN A 513 3.48 -69.95 24.37
C ASN A 513 4.89 -70.41 24.68
N THR A 514 5.76 -69.47 24.99
CA THR A 514 7.14 -69.79 25.31
C THR A 514 7.18 -70.45 26.69
N PHE A 515 7.04 -71.77 26.70
CA PHE A 515 7.05 -72.52 27.95
C PHE A 515 8.44 -72.54 28.58
N TYR A 516 9.44 -72.08 27.82
CA TYR A 516 10.81 -72.04 28.30
C TYR A 516 11.54 -70.76 27.91
N LYS A 517 12.09 -70.10 28.93
CA LYS A 517 12.85 -68.88 28.75
C LYS A 517 14.03 -68.92 29.72
N GLN A 518 15.17 -68.41 29.31
CA GLN A 518 16.35 -68.41 30.16
C GLN A 518 16.07 -67.89 31.56
N SER A 519 15.30 -66.81 31.66
CA SER A 519 14.96 -66.21 32.94
C SER A 519 14.44 -67.27 33.91
N MET A 520 14.12 -68.44 33.39
CA MET A 520 13.61 -69.54 34.19
C MET A 520 14.75 -70.41 34.75
N GLU A 521 15.97 -70.15 34.27
CA GLU A 521 17.14 -70.88 34.72
C GLU A 521 17.70 -70.28 36.01
N LYS A 522 17.25 -70.80 37.14
CA LYS A 522 17.71 -70.32 38.45
C LYS A 522 18.81 -71.23 39.01
N PRO A 523 19.95 -70.65 39.41
CA PRO A 523 21.10 -71.38 39.96
C PRO A 523 20.95 -72.06 41.32
N THR A 524 21.93 -72.91 41.62
CA THR A 524 22.03 -73.67 42.87
C THR A 524 23.43 -74.26 42.99
N ARG A 525 23.56 -75.36 43.73
CA ARG A 525 24.84 -76.01 43.93
C ARG A 525 24.63 -77.38 44.56
N LEU A 526 23.88 -78.22 43.87
CA LEU A 526 23.59 -79.57 44.36
C LEU A 526 24.49 -80.60 43.63
N THR A 527 24.64 -81.79 44.20
CA THR A 527 25.48 -82.82 43.60
C THR A 527 24.70 -84.09 43.25
N ARG A 528 25.03 -84.68 42.10
CA ARG A 528 24.34 -85.88 41.63
C ARG A 528 25.24 -86.84 40.85
N TYR A 529 24.68 -88.02 40.56
CA TYR A 529 25.34 -89.06 39.79
C TYR A 529 24.28 -89.51 38.79
N VAL A 530 24.63 -90.40 37.87
CA VAL A 530 23.67 -90.83 36.86
C VAL A 530 22.88 -92.09 37.23
N SER A 531 21.65 -92.17 36.73
CA SER A 531 20.77 -93.30 36.97
C SER A 531 21.02 -94.43 35.96
N ALA A 532 21.24 -95.64 36.45
CA ALA A 532 21.49 -96.80 35.59
C ALA A 532 20.29 -97.07 34.69
N ASN A 533 19.10 -96.75 35.17
CA ASN A 533 17.86 -96.97 34.42
C ASN A 533 17.53 -95.79 33.55
N LYS A 534 18.21 -94.67 33.77
CA LYS A 534 17.99 -93.46 32.99
C LYS A 534 19.17 -93.18 32.04
N ALA A 535 20.14 -94.09 32.04
CA ALA A 535 21.33 -93.96 31.18
C ALA A 535 20.99 -93.83 29.70
N GLY A 536 19.86 -94.38 29.30
CA GLY A 536 19.45 -94.29 27.92
C GLY A 536 18.99 -92.88 27.57
N GLU A 537 18.49 -92.17 28.58
CA GLU A 537 18.03 -90.79 28.40
C GLU A 537 19.20 -89.89 28.02
N SER A 538 18.92 -88.84 27.26
CA SER A 538 19.94 -87.91 26.81
C SER A 538 19.88 -86.56 27.50
N TYR A 539 20.85 -85.70 27.17
CA TYR A 539 20.90 -84.35 27.74
C TYR A 539 20.94 -83.31 26.62
N TYR A 540 20.50 -82.08 26.92
CA TYR A 540 20.44 -81.03 25.91
C TYR A 540 21.12 -79.71 26.27
N LYS A 541 21.17 -78.81 25.31
CA LYS A 541 21.79 -77.49 25.48
C LYS A 541 20.88 -76.55 26.28
N VAL A 542 19.59 -76.85 26.23
CA VAL A 542 18.59 -76.07 26.96
C VAL A 542 17.60 -77.07 27.54
N PRO A 543 17.05 -76.80 28.72
CA PRO A 543 16.09 -77.70 29.35
C PRO A 543 14.83 -77.98 28.55
N VAL A 544 15.02 -78.40 27.30
CA VAL A 544 13.94 -78.75 26.38
C VAL A 544 14.39 -79.95 25.58
N ALA A 545 13.63 -81.04 25.65
CA ALA A 545 14.01 -82.26 24.94
C ALA A 545 13.61 -82.27 23.48
N ASP A 546 14.31 -81.48 22.68
CA ASP A 546 14.05 -81.42 21.25
C ASP A 546 15.37 -81.87 20.66
N ASN A 547 15.33 -82.69 19.63
CA ASN A 547 16.57 -83.20 19.05
C ASN A 547 17.61 -82.14 18.67
N PRO A 548 17.22 -81.10 17.94
CA PRO A 548 18.17 -80.06 17.55
C PRO A 548 19.06 -79.50 18.66
N VAL A 549 18.70 -79.75 19.92
CA VAL A 549 19.51 -79.27 21.04
C VAL A 549 20.11 -80.42 21.84
N LYS A 550 19.98 -81.63 21.30
CA LYS A 550 20.53 -82.82 21.94
C LYS A 550 22.05 -82.74 21.83
N ARG A 551 22.74 -82.89 22.96
CA ARG A 551 24.19 -82.81 22.98
C ARG A 551 24.91 -84.08 23.41
N GLY A 552 24.18 -85.16 23.62
CA GLY A 552 24.82 -86.40 24.02
C GLY A 552 23.96 -87.33 24.83
N THR A 553 24.58 -88.40 25.33
CA THR A 553 23.90 -89.41 26.14
C THR A 553 24.58 -89.51 27.51
N LEU A 554 23.76 -89.58 28.56
CA LEU A 554 24.26 -89.67 29.92
C LEU A 554 25.23 -90.82 30.17
N ALA A 555 24.97 -91.94 29.50
CA ALA A 555 25.79 -93.14 29.62
C ALA A 555 27.29 -92.89 29.37
N LYS A 556 27.65 -91.69 28.92
CA LYS A 556 29.04 -91.38 28.68
C LYS A 556 29.69 -91.07 30.02
N TYR A 557 28.85 -90.70 30.98
CA TYR A 557 29.33 -90.34 32.32
C TYR A 557 29.03 -91.38 33.37
N LYS A 558 28.50 -92.52 32.92
CA LYS A 558 28.17 -93.66 33.77
C LYS A 558 29.18 -93.85 34.89
N ASN A 559 28.84 -93.37 36.08
CA ASN A 559 29.68 -93.48 37.28
C ASN A 559 30.73 -92.39 37.49
N GLN A 560 30.38 -91.16 37.15
CA GLN A 560 31.30 -90.05 37.35
C GLN A 560 30.59 -89.11 38.30
N LYS A 561 31.32 -88.13 38.83
CA LYS A 561 30.70 -87.19 39.76
C LYS A 561 30.08 -86.04 38.97
N LEU A 562 28.82 -85.75 39.28
CA LEU A 562 28.10 -84.68 38.60
C LEU A 562 27.74 -83.53 39.52
N ILE A 563 28.14 -82.33 39.08
CA ILE A 563 27.90 -81.11 39.80
C ILE A 563 26.72 -80.38 39.16
N VAL A 564 25.63 -80.24 39.92
CA VAL A 564 24.48 -79.52 39.41
C VAL A 564 24.63 -78.09 39.90
N ASP A 565 24.95 -77.20 38.97
CA ASP A 565 25.12 -75.79 39.31
C ASP A 565 23.82 -75.04 39.13
N CYS A 566 23.20 -75.22 37.98
CA CYS A 566 21.95 -74.53 37.68
C CYS A 566 20.74 -75.47 37.68
N GLN A 567 19.56 -74.90 37.44
CA GLN A 567 18.32 -75.67 37.40
C GLN A 567 17.17 -74.84 36.83
N ALA A 568 16.06 -75.51 36.52
CA ALA A 568 14.90 -74.82 35.96
C ALA A 568 13.69 -75.76 35.95
N THR A 569 12.52 -75.19 36.20
CA THR A 569 11.29 -75.98 36.19
C THR A 569 10.51 -75.62 34.92
N ILE A 570 10.42 -76.58 34.01
CA ILE A 570 9.72 -76.36 32.75
C ILE A 570 8.49 -77.25 32.65
N GLU A 571 7.38 -76.66 32.20
CA GLU A 571 6.13 -77.40 32.03
C GLU A 571 5.82 -78.31 33.21
N GLY A 572 6.28 -77.91 34.40
CA GLY A 572 6.04 -78.72 35.59
C GLY A 572 7.10 -79.73 35.98
N GLN A 573 8.05 -80.00 35.08
CA GLN A 573 9.12 -80.95 35.38
C GLN A 573 10.42 -80.26 35.80
N LEU A 574 11.21 -80.97 36.60
CA LEU A 574 12.47 -80.44 37.10
C LEU A 574 13.70 -80.84 36.27
N TRP A 575 14.44 -79.84 35.79
CA TRP A 575 15.65 -80.07 35.01
C TRP A 575 16.87 -79.54 35.77
N TYR A 576 18.01 -80.18 35.57
CA TYR A 576 19.25 -79.77 36.22
C TYR A 576 20.31 -79.55 35.15
N ARG A 577 21.21 -78.61 35.38
CA ARG A 577 22.28 -78.35 34.43
C ARG A 577 23.54 -78.95 35.04
N ILE A 578 23.94 -80.12 34.57
CA ILE A 578 25.11 -80.80 35.10
C ILE A 578 26.43 -80.53 34.37
N ARG A 579 27.51 -80.79 35.10
CA ARG A 579 28.86 -80.59 34.59
C ARG A 579 29.81 -81.40 35.47
N THR A 580 30.87 -81.94 34.87
CA THR A 580 31.86 -82.69 35.63
C THR A 580 32.82 -81.65 36.18
N SER A 581 33.56 -82.00 37.23
CA SER A 581 34.51 -81.06 37.81
C SER A 581 35.51 -80.67 36.72
N SER A 582 35.37 -81.30 35.57
CA SER A 582 36.25 -81.07 34.44
C SER A 582 35.56 -80.31 33.31
N THR A 583 34.53 -80.90 32.70
CA THR A 583 33.86 -80.26 31.58
C THR A 583 32.35 -80.06 31.74
N PHE A 584 31.84 -79.03 31.06
CA PHE A 584 30.42 -78.73 31.08
C PHE A 584 29.68 -79.78 30.26
N ILE A 585 28.59 -80.30 30.80
CA ILE A 585 27.82 -81.32 30.11
C ILE A 585 26.58 -80.75 29.45
N GLY A 586 25.61 -80.34 30.26
CA GLY A 586 24.39 -79.79 29.71
C GLY A 586 23.18 -79.85 30.60
N TRP A 587 22.00 -79.86 29.98
CA TRP A 587 20.74 -79.91 30.69
C TRP A 587 20.08 -81.27 30.57
N THR A 588 19.61 -81.79 31.69
CA THR A 588 18.95 -83.07 31.70
C THR A 588 17.90 -83.06 32.80
N LYS A 589 16.88 -83.90 32.66
CA LYS A 589 15.85 -83.96 33.68
C LYS A 589 16.44 -84.54 34.97
N ALA A 590 16.11 -83.95 36.11
CA ALA A 590 16.61 -84.43 37.40
C ALA A 590 16.06 -85.82 37.65
N ALA A 591 15.00 -86.15 36.92
CA ALA A 591 14.35 -87.44 37.02
C ALA A 591 15.32 -88.53 36.56
N ASN A 592 16.49 -88.13 36.08
CA ASN A 592 17.49 -89.06 35.59
C ASN A 592 18.76 -89.14 36.44
N LEU A 593 18.77 -88.48 37.59
CA LEU A 593 19.96 -88.50 38.42
C LEU A 593 19.75 -89.04 39.84
N ARG A 594 20.80 -89.02 40.65
CA ARG A 594 20.74 -89.51 42.02
C ARG A 594 21.74 -88.75 42.89
N ALA A 595 21.37 -88.51 44.15
CA ALA A 595 22.26 -87.82 45.07
C ALA A 595 22.96 -88.91 45.87
N GLN A 596 22.32 -90.07 45.91
CA GLN A 596 22.84 -91.23 46.62
C GLN A 596 24.33 -91.44 46.36
#